data_7CWA
#
_entry.id   7CWA
#
_cell.length_a   76.261
_cell.length_b   132.246
_cell.length_c   101.916
_cell.angle_alpha   90.00
_cell.angle_beta   90.00
_cell.angle_gamma   90.00
#
_symmetry.space_group_name_H-M   'C 2 2 21'
#
loop_
_entity.id
_entity.type
_entity.pdbx_description
1 polymer "High affinity cAMP-specific and IBMX-insensitive 3',5'-cyclic phosphodiesterase 8A"
2 non-polymer 'ZINC ION'
3 non-polymer 'MAGNESIUM ION'
4 non-polymer '2-CHLORO-9-(2-DEOXY-2-FLUORO-B -D-ARABINOFURANOSYL)-9H-PURIN-6-AMINE'
5 water water
#
_entity_poly.entity_id   1
_entity_poly.type   'polypeptide(L)'
_entity_poly.pdbx_seq_one_letter_code
;DDVPPRIARAMENEEYWDFDIFELEAATHNRPLIYLGLKMFARFGICEFLHCSESTLRSWLQIIEANYHSSNPYHNSTHS
ADVLHATAYFLSKERIKETLDPIDEVAALIAATIHDVDHPGRTNSFLCNAGSELAILYNDTAVLESHHAALAFQLTTGDD
KCNIFKNMERNDYRTLRQGIIDMVLATEMTKHFEHVNKFVNSINKPLATLEENGETDKNQEVINTMLRTPENRTLIKRML
IKCADVSNPCRPLQYCIEWAARISEEYFSQTDEEKQQGLPVVMPVFDRNTCSIPKSQISFIDYFITDMFDAWDAFVDLPD
LMQHLDNNFKYWKGLDEM
;
_entity_poly.pdbx_strand_id   A
#
loop_
_chem_comp.id
_chem_comp.type
_chem_comp.name
_chem_comp.formula
CFB non-polymer '2-CHLORO-9-(2-DEOXY-2-FLUORO-B -D-ARABINOFURANOSYL)-9H-PURIN-6-AMINE' 'C10 H11 Cl F N5 O3'
MG non-polymer 'MAGNESIUM ION' 'Mg 2'
ZN non-polymer 'ZINC ION' 'Zn 2'
#
# COMPACT_ATOMS: atom_id res chain seq x y z
N ASP A 1 4.40 -21.46 -12.29
CA ASP A 1 5.75 -22.10 -12.37
C ASP A 1 6.46 -21.76 -13.69
N ASP A 2 5.85 -22.18 -14.80
CA ASP A 2 6.42 -21.94 -16.14
C ASP A 2 6.18 -20.51 -16.58
N VAL A 3 7.02 -19.60 -16.08
CA VAL A 3 6.97 -18.18 -16.40
C VAL A 3 7.93 -17.94 -17.58
N PRO A 4 7.52 -17.11 -18.56
CA PRO A 4 8.43 -16.80 -19.68
C PRO A 4 9.66 -15.96 -19.25
N PRO A 5 10.75 -15.99 -20.03
CA PRO A 5 12.06 -15.48 -19.59
C PRO A 5 12.14 -14.02 -19.16
N ARG A 6 11.64 -13.08 -19.99
CA ARG A 6 11.73 -11.65 -19.68
C ARG A 6 11.06 -11.28 -18.36
N ILE A 7 9.86 -11.82 -18.14
CA ILE A 7 9.12 -11.62 -16.89
C ILE A 7 9.82 -12.30 -15.71
N ALA A 8 10.37 -13.50 -15.95
CA ALA A 8 11.15 -14.22 -14.94
C ALA A 8 12.42 -13.48 -14.53
N ARG A 9 13.10 -12.86 -15.50
CA ARG A 9 14.29 -12.03 -15.22
C ARG A 9 13.95 -10.75 -14.46
N ALA A 10 12.78 -10.18 -14.73
CA ALA A 10 12.30 -8.98 -14.03
C ALA A 10 12.04 -9.20 -12.54
N MET A 11 11.67 -10.43 -12.16
CA MET A 11 11.37 -10.79 -10.76
C MET A 11 12.50 -11.58 -10.07
N GLU A 12 13.76 -11.31 -10.44
CA GLU A 12 14.91 -12.03 -9.86
C GLU A 12 15.21 -11.53 -8.45
N ASN A 13 15.55 -10.24 -8.34
CA ASN A 13 15.88 -9.61 -7.06
C ASN A 13 14.66 -8.94 -6.45
N GLU A 14 13.63 -9.72 -6.17
CA GLU A 14 12.34 -9.23 -5.68
C GLU A 14 12.28 -9.10 -4.15
N GLU A 15 13.12 -9.88 -3.47
CA GLU A 15 13.37 -9.69 -2.03
C GLU A 15 14.03 -8.33 -1.71
N TYR A 16 14.83 -7.81 -2.64
CA TYR A 16 15.54 -6.53 -2.47
C TYR A 16 14.58 -5.34 -2.59
N TRP A 17 14.99 -4.21 -2.03
CA TRP A 17 14.23 -2.96 -2.11
C TRP A 17 14.34 -2.33 -3.50
N ASP A 18 15.56 -2.28 -4.03
CA ASP A 18 15.81 -1.79 -5.39
C ASP A 18 15.24 -2.82 -6.37
N PHE A 19 14.07 -2.52 -6.92
CA PHE A 19 13.32 -3.44 -7.77
C PHE A 19 12.72 -2.70 -8.97
N ASP A 20 12.97 -3.23 -10.18
CA ASP A 20 12.50 -2.61 -11.41
C ASP A 20 11.05 -3.04 -11.68
N ILE A 21 10.13 -2.37 -10.99
CA ILE A 21 8.68 -2.64 -11.12
C ILE A 21 8.11 -2.24 -12.50
N PHE A 22 8.73 -1.26 -13.15
CA PHE A 22 8.27 -0.77 -14.46
C PHE A 22 8.74 -1.64 -15.63
N GLU A 23 9.88 -2.32 -15.46
CA GLU A 23 10.29 -3.37 -16.40
C GLU A 23 9.31 -4.54 -16.34
N LEU A 24 8.87 -4.90 -15.14
CA LEU A 24 7.84 -5.94 -14.95
C LEU A 24 6.52 -5.55 -15.60
N GLU A 25 6.13 -4.27 -15.48
CA GLU A 25 4.93 -3.74 -16.14
C GLU A 25 5.00 -3.88 -17.65
N ALA A 26 6.13 -3.47 -18.23
CA ALA A 26 6.39 -3.58 -19.66
C ALA A 26 6.51 -5.04 -20.12
N ALA A 27 7.14 -5.88 -19.30
CA ALA A 27 7.33 -7.29 -19.61
C ALA A 27 6.01 -8.08 -19.58
N THR A 28 5.22 -7.84 -18.53
CA THR A 28 3.93 -8.51 -18.34
C THR A 28 2.77 -7.92 -19.17
N HIS A 29 3.00 -6.76 -19.81
CA HIS A 29 1.99 -6.08 -20.65
C HIS A 29 0.84 -5.55 -19.80
N ASN A 30 1.20 -4.74 -18.81
CA ASN A 30 0.26 -4.19 -17.82
C ASN A 30 -0.47 -5.28 -17.03
N ARG A 31 0.27 -6.35 -16.69
CA ARG A 31 -0.23 -7.43 -15.82
C ARG A 31 0.83 -7.84 -14.78
N PRO A 32 1.41 -6.87 -14.05
CA PRO A 32 2.47 -7.20 -13.08
C PRO A 32 1.99 -7.84 -11.77
N LEU A 33 0.73 -7.63 -11.40
CA LEU A 33 0.21 -8.11 -10.11
C LEU A 33 0.09 -9.62 -10.02
N ILE A 34 -0.39 -10.26 -11.10
CA ILE A 34 -0.55 -11.72 -11.15
C ILE A 34 0.79 -12.48 -11.07
N TYR A 35 1.81 -12.01 -11.78
CA TYR A 35 3.12 -12.67 -11.79
C TYR A 35 3.86 -12.47 -10.48
N LEU A 36 3.90 -11.22 -10.01
CA LEU A 36 4.50 -10.89 -8.71
C LEU A 36 3.70 -11.50 -7.55
N GLY A 37 2.38 -11.59 -7.70
CA GLY A 37 1.51 -12.23 -6.72
C GLY A 37 1.80 -13.70 -6.53
N LEU A 38 1.95 -14.42 -7.65
CA LEU A 38 2.25 -15.87 -7.65
C LEU A 38 3.49 -16.21 -6.82
N LYS A 39 4.58 -15.47 -7.05
CA LYS A 39 5.84 -15.70 -6.34
C LYS A 39 5.75 -15.29 -4.87
N MET A 40 5.20 -14.10 -4.61
CA MET A 40 5.07 -13.57 -3.25
C MET A 40 4.17 -14.43 -2.36
N PHE A 41 3.01 -14.84 -2.88
CA PHE A 41 2.09 -15.72 -2.15
C PHE A 41 2.71 -17.10 -1.87
N ALA A 42 3.49 -17.60 -2.83
CA ALA A 42 4.18 -18.89 -2.69
C ALA A 42 5.35 -18.82 -1.71
N ARG A 43 6.13 -17.74 -1.78
CA ARG A 43 7.35 -17.58 -0.94
C ARG A 43 7.02 -17.56 0.56
N PHE A 44 5.99 -16.80 0.93
CA PHE A 44 5.46 -16.80 2.29
C PHE A 44 4.76 -18.13 2.61
N GLY A 45 4.03 -18.67 1.63
CA GLY A 45 3.30 -19.93 1.77
C GLY A 45 1.87 -19.66 2.19
N ILE A 46 1.19 -18.82 1.41
CA ILE A 46 -0.13 -18.31 1.76
C ILE A 46 -1.24 -19.32 1.44
N CYS A 47 -1.17 -19.97 0.28
CA CYS A 47 -2.16 -21.00 -0.09
C CYS A 47 -2.12 -22.25 0.81
N GLU A 48 -0.98 -22.51 1.45
CA GLU A 48 -0.90 -23.55 2.49
C GLU A 48 -1.66 -23.14 3.76
N PHE A 49 -1.60 -21.85 4.09
CA PHE A 49 -2.36 -21.28 5.21
C PHE A 49 -3.86 -21.23 4.87
N LEU A 50 -4.19 -20.68 3.71
CA LEU A 50 -5.58 -20.55 3.26
C LEU A 50 -6.20 -21.87 2.77
N HIS A 51 -5.36 -22.86 2.47
CA HIS A 51 -5.79 -24.16 1.90
C HIS A 51 -6.44 -24.00 0.52
N CYS A 52 -5.78 -23.23 -0.35
CA CYS A 52 -6.18 -23.06 -1.75
C CYS A 52 -5.19 -23.76 -2.68
N SER A 53 -5.67 -24.07 -3.88
CA SER A 53 -4.82 -24.60 -4.95
C SER A 53 -4.17 -23.45 -5.72
N GLU A 54 -3.28 -23.79 -6.65
CA GLU A 54 -2.63 -22.80 -7.52
C GLU A 54 -3.63 -22.16 -8.50
N SER A 55 -4.53 -22.99 -9.04
CA SER A 55 -5.54 -22.53 -10.01
C SER A 55 -6.57 -21.57 -9.39
N THR A 56 -6.90 -21.77 -8.12
CA THR A 56 -7.79 -20.86 -7.38
C THR A 56 -7.14 -19.48 -7.20
N LEU A 57 -5.85 -19.47 -6.91
CA LEU A 57 -5.09 -18.22 -6.75
C LEU A 57 -4.89 -17.47 -8.07
N ARG A 58 -4.63 -18.21 -9.15
CA ARG A 58 -4.48 -17.62 -10.49
C ARG A 58 -5.78 -16.95 -10.99
N SER A 59 -6.92 -17.61 -10.75
CA SER A 59 -8.23 -17.04 -11.05
C SER A 59 -8.55 -15.83 -10.18
N TRP A 60 -8.10 -15.85 -8.93
CA TRP A 60 -8.28 -14.73 -8.00
C TRP A 60 -7.42 -13.52 -8.40
N LEU A 61 -6.14 -13.75 -8.64
CA LEU A 61 -5.22 -12.68 -9.08
C LEU A 61 -5.61 -12.07 -10.45
N GLN A 62 -6.23 -12.87 -11.31
CA GLN A 62 -6.68 -12.39 -12.62
C GLN A 62 -7.88 -11.43 -12.52
N ILE A 63 -8.93 -11.85 -11.82
CA ILE A 63 -10.19 -11.09 -11.75
C ILE A 63 -10.06 -9.73 -11.02
N ILE A 64 -9.21 -9.68 -10.00
CA ILE A 64 -8.91 -8.39 -9.33
C ILE A 64 -8.09 -7.49 -10.26
N GLU A 65 -7.07 -8.06 -10.92
CA GLU A 65 -6.21 -7.31 -11.83
C GLU A 65 -6.95 -6.74 -13.06
N ALA A 66 -7.97 -7.47 -13.52
CA ALA A 66 -8.85 -6.98 -14.60
C ALA A 66 -9.63 -5.73 -14.16
N ASN A 67 -10.13 -5.75 -12.92
CA ASN A 67 -10.86 -4.60 -12.36
C ASN A 67 -10.01 -3.36 -12.04
N TYR A 68 -8.69 -3.52 -11.99
CA TYR A 68 -7.77 -2.36 -11.97
C TYR A 68 -7.78 -1.68 -13.35
N HIS A 69 -8.01 -0.37 -13.36
CA HIS A 69 -8.14 0.39 -14.59
C HIS A 69 -6.76 0.68 -15.20
N SER A 70 -6.54 0.19 -16.42
CA SER A 70 -5.30 0.49 -17.17
C SER A 70 -5.24 1.94 -17.65
N SER A 71 -6.40 2.56 -17.85
CA SER A 71 -6.50 3.97 -18.26
C SER A 71 -5.94 4.96 -17.23
N ASN A 72 -5.97 4.59 -15.95
CA ASN A 72 -5.42 5.44 -14.88
C ASN A 72 -3.89 5.48 -14.94
N PRO A 73 -3.28 6.69 -14.89
CA PRO A 73 -1.81 6.80 -14.84
C PRO A 73 -1.18 6.12 -13.63
N TYR A 74 -1.62 6.49 -12.42
CA TYR A 74 -1.04 6.00 -11.18
C TYR A 74 -1.80 4.79 -10.61
N HIS A 75 -3.08 4.98 -10.29
CA HIS A 75 -3.88 3.95 -9.62
C HIS A 75 -4.30 2.83 -10.57
N ASN A 76 -3.39 1.88 -10.76
CA ASN A 76 -3.61 0.70 -11.60
C ASN A 76 -2.93 -0.54 -10.98
N SER A 77 -2.97 -1.68 -11.67
CA SER A 77 -2.38 -2.94 -11.19
C SER A 77 -0.89 -2.84 -10.82
N THR A 78 -0.15 -2.02 -11.55
CA THR A 78 1.29 -1.82 -11.31
C THR A 78 1.57 -1.12 -9.97
N HIS A 79 0.70 -0.19 -9.59
CA HIS A 79 0.78 0.45 -8.28
C HIS A 79 0.54 -0.55 -7.15
N SER A 80 -0.51 -1.36 -7.27
CA SER A 80 -0.82 -2.39 -6.25
C SER A 80 0.28 -3.45 -6.14
N ALA A 81 0.92 -3.77 -7.27
CA ALA A 81 2.10 -4.64 -7.29
C ALA A 81 3.29 -4.01 -6.56
N ASP A 82 3.48 -2.71 -6.75
CA ASP A 82 4.53 -1.95 -6.05
C ASP A 82 4.27 -1.89 -4.54
N VAL A 83 2.99 -1.73 -4.16
CA VAL A 83 2.59 -1.73 -2.74
C VAL A 83 2.73 -3.15 -2.15
N LEU A 84 2.37 -4.16 -2.94
CA LEU A 84 2.56 -5.58 -2.55
C LEU A 84 4.04 -5.91 -2.33
N HIS A 85 4.90 -5.37 -3.19
CA HIS A 85 6.35 -5.50 -3.04
C HIS A 85 6.86 -4.79 -1.78
N ALA A 86 6.34 -3.59 -1.53
CA ALA A 86 6.68 -2.83 -0.32
C ALA A 86 6.18 -3.50 0.95
N THR A 87 4.97 -4.08 0.88
CA THR A 87 4.39 -4.82 2.01
C THR A 87 5.25 -6.01 2.42
N ALA A 88 5.56 -6.85 1.44
CA ALA A 88 6.42 -8.04 1.65
C ALA A 88 7.80 -7.71 2.22
N TYR A 89 8.36 -6.57 1.80
CA TYR A 89 9.65 -6.10 2.30
C TYR A 89 9.60 -5.78 3.80
N PHE A 90 8.56 -5.07 4.22
CA PHE A 90 8.40 -4.71 5.65
C PHE A 90 8.08 -5.92 6.52
N LEU A 91 7.28 -6.86 6.01
CA LEU A 91 7.02 -8.13 6.70
C LEU A 91 8.29 -8.97 6.88
N SER A 92 9.18 -8.92 5.89
CA SER A 92 10.45 -9.66 5.92
C SER A 92 11.49 -9.12 6.91
N LYS A 93 11.34 -7.88 7.38
CA LYS A 93 12.24 -7.31 8.40
C LYS A 93 12.07 -7.97 9.76
N GLU A 94 13.13 -7.93 10.56
CA GLU A 94 13.21 -8.67 11.84
C GLU A 94 12.22 -8.18 12.89
N ARG A 95 12.02 -6.86 12.96
CA ARG A 95 11.06 -6.27 13.92
C ARG A 95 9.63 -6.72 13.65
N ILE A 96 9.23 -6.75 12.38
CA ILE A 96 7.86 -7.09 12.00
C ILE A 96 7.65 -8.61 12.04
N LYS A 97 8.67 -9.37 11.66
CA LYS A 97 8.62 -10.84 11.69
C LYS A 97 8.40 -11.38 13.10
N GLU A 98 9.20 -10.91 14.05
CA GLU A 98 9.12 -11.36 15.45
C GLU A 98 7.89 -10.83 16.21
N THR A 99 7.36 -9.68 15.79
CA THR A 99 6.18 -9.09 16.42
C THR A 99 4.88 -9.73 15.92
N LEU A 100 4.68 -9.71 14.60
CA LEU A 100 3.43 -10.21 13.99
C LEU A 100 3.37 -11.74 13.95
N ASP A 101 2.14 -12.25 13.79
CA ASP A 101 1.87 -13.68 13.63
C ASP A 101 1.62 -14.00 12.15
N PRO A 102 1.70 -15.30 11.76
CA PRO A 102 1.48 -15.68 10.36
C PRO A 102 0.14 -15.23 9.74
N ILE A 103 -0.93 -15.21 10.55
CA ILE A 103 -2.24 -14.69 10.11
C ILE A 103 -2.19 -13.22 9.65
N ASP A 104 -1.35 -12.42 10.31
CA ASP A 104 -1.21 -10.99 9.97
C ASP A 104 -0.44 -10.79 8.67
N GLU A 105 0.58 -11.62 8.45
CA GLU A 105 1.38 -11.59 7.20
C GLU A 105 0.51 -11.85 5.96
N VAL A 106 -0.45 -12.76 6.09
CA VAL A 106 -1.37 -13.10 5.01
C VAL A 106 -2.35 -11.95 4.77
N ALA A 107 -2.89 -11.38 5.86
CA ALA A 107 -3.81 -10.24 5.80
C ALA A 107 -3.18 -9.01 5.14
N ALA A 108 -1.89 -8.79 5.39
CA ALA A 108 -1.15 -7.66 4.81
C ALA A 108 -0.96 -7.79 3.30
N LEU A 109 -0.49 -8.95 2.86
CA LEU A 109 -0.23 -9.20 1.44
C LEU A 109 -1.50 -9.25 0.59
N ILE A 110 -2.58 -9.78 1.15
CA ILE A 110 -3.90 -9.77 0.50
C ILE A 110 -4.44 -8.33 0.42
N ALA A 111 -4.35 -7.59 1.52
CA ALA A 111 -4.77 -6.18 1.57
C ALA A 111 -4.06 -5.32 0.53
N ALA A 112 -2.75 -5.50 0.40
CA ALA A 112 -1.93 -4.78 -0.59
C ALA A 112 -2.37 -5.02 -2.04
N THR A 113 -2.84 -6.23 -2.32
CA THR A 113 -3.34 -6.60 -3.65
C THR A 113 -4.64 -5.87 -4.03
N ILE A 114 -5.52 -5.65 -3.05
CA ILE A 114 -6.89 -5.15 -3.31
C ILE A 114 -7.18 -3.70 -2.87
N HIS A 115 -6.20 -3.05 -2.23
CA HIS A 115 -6.45 -1.75 -1.56
C HIS A 115 -6.93 -0.58 -2.44
N ASP A 116 -6.63 -0.61 -3.74
CA ASP A 116 -7.11 0.40 -4.70
C ASP A 116 -7.82 -0.24 -5.91
N VAL A 117 -8.51 -1.36 -5.69
CA VAL A 117 -9.19 -2.07 -6.79
C VAL A 117 -10.41 -1.29 -7.28
N ASP A 118 -10.52 -1.16 -8.61
CA ASP A 118 -11.56 -0.36 -9.27
C ASP A 118 -11.50 1.13 -8.87
N HIS A 119 -10.31 1.71 -9.02
CA HIS A 119 -10.08 3.13 -8.76
C HIS A 119 -10.51 3.89 -10.02
N PRO A 120 -11.29 4.98 -9.89
CA PRO A 120 -11.70 5.77 -11.07
C PRO A 120 -10.72 6.89 -11.46
N GLY A 121 -9.47 6.82 -11.01
CA GLY A 121 -8.50 7.89 -11.20
C GLY A 121 -8.84 9.22 -10.53
N ARG A 122 -9.70 9.17 -9.51
CA ARG A 122 -10.27 10.36 -8.89
C ARG A 122 -10.29 10.21 -7.36
N THR A 123 -10.33 11.35 -6.67
CA THR A 123 -10.35 11.40 -5.20
C THR A 123 -11.76 11.19 -4.65
N ASN A 124 -11.85 10.98 -3.34
CA ASN A 124 -13.14 10.93 -2.63
C ASN A 124 -13.92 12.23 -2.74
N SER A 125 -13.23 13.36 -2.55
CA SER A 125 -13.83 14.70 -2.62
C SER A 125 -14.51 15.00 -3.96
N PHE A 126 -13.91 14.52 -5.05
CA PHE A 126 -14.50 14.63 -6.39
C PHE A 126 -15.86 13.94 -6.49
N LEU A 127 -15.92 12.71 -5.98
CA LEU A 127 -17.13 11.87 -6.09
C LEU A 127 -18.27 12.40 -5.22
N CYS A 128 -17.94 12.90 -4.03
CA CYS A 128 -18.92 13.53 -3.14
C CYS A 128 -19.52 14.78 -3.77
N ASN A 129 -18.66 15.65 -4.28
CA ASN A 129 -19.07 16.88 -4.98
C ASN A 129 -19.83 16.62 -6.29
N ALA A 130 -19.36 15.66 -7.06
CA ALA A 130 -20.03 15.26 -8.32
C ALA A 130 -21.37 14.56 -8.09
N GLY A 131 -21.51 13.89 -6.94
CA GLY A 131 -22.70 13.11 -6.63
C GLY A 131 -22.68 11.79 -7.38
N SER A 132 -21.57 11.06 -7.22
CA SER A 132 -21.35 9.80 -7.95
C SER A 132 -22.17 8.66 -7.36
N GLU A 133 -22.28 7.57 -8.12
CA GLU A 133 -23.02 6.37 -7.71
C GLU A 133 -22.49 5.75 -6.41
N LEU A 134 -21.17 5.77 -6.25
CA LEU A 134 -20.52 5.24 -5.05
C LEU A 134 -20.53 6.22 -3.87
N ALA A 135 -20.50 7.52 -4.16
CA ALA A 135 -20.61 8.56 -3.13
C ALA A 135 -21.96 8.53 -2.41
N ILE A 136 -23.04 8.32 -3.17
CA ILE A 136 -24.38 8.13 -2.61
C ILE A 136 -24.47 6.77 -1.90
N LEU A 137 -23.80 5.76 -2.46
CA LEU A 137 -23.78 4.41 -1.87
C LEU A 137 -23.10 4.35 -0.50
N TYR A 138 -22.01 5.10 -0.32
CA TYR A 138 -21.25 5.12 0.94
C TYR A 138 -21.39 6.42 1.76
N ASN A 139 -22.37 7.26 1.41
CA ASN A 139 -22.78 8.42 2.22
C ASN A 139 -21.66 9.47 2.45
N ASP A 140 -20.85 9.70 1.42
CA ASP A 140 -19.71 10.64 1.48
C ASP A 140 -18.73 10.38 2.65
N THR A 141 -18.53 9.10 2.96
CA THR A 141 -17.69 8.68 4.09
C THR A 141 -16.90 7.43 3.67
N ALA A 142 -15.60 7.60 3.47
CA ALA A 142 -14.69 6.53 3.03
C ALA A 142 -15.21 5.86 1.75
N VAL A 143 -15.52 6.69 0.75
CA VAL A 143 -16.27 6.26 -0.44
C VAL A 143 -15.48 5.20 -1.23
N LEU A 144 -14.27 5.57 -1.63
CA LEU A 144 -13.40 4.66 -2.40
C LEU A 144 -12.86 3.52 -1.52
N GLU A 145 -12.42 3.85 -0.30
CA GLU A 145 -11.80 2.86 0.60
C GLU A 145 -12.75 1.71 0.96
N SER A 146 -14.02 2.04 1.22
CA SER A 146 -15.07 1.04 1.45
C SER A 146 -15.39 0.27 0.16
N HIS A 147 -15.42 0.98 -0.97
CA HIS A 147 -15.65 0.37 -2.28
C HIS A 147 -14.56 -0.63 -2.70
N HIS A 148 -13.30 -0.33 -2.38
CA HIS A 148 -12.18 -1.21 -2.72
C HIS A 148 -12.30 -2.57 -2.01
N ALA A 149 -12.52 -2.52 -0.70
CA ALA A 149 -12.67 -3.72 0.11
C ALA A 149 -13.95 -4.49 -0.21
N ALA A 150 -15.07 -3.77 -0.28
CA ALA A 150 -16.38 -4.38 -0.55
C ALA A 150 -16.44 -5.09 -1.90
N LEU A 151 -15.93 -4.44 -2.95
CA LEU A 151 -15.86 -5.05 -4.29
C LEU A 151 -14.88 -6.23 -4.34
N ALA A 152 -13.78 -6.13 -3.60
CA ALA A 152 -12.77 -7.21 -3.56
C ALA A 152 -13.35 -8.52 -3.04
N PHE A 153 -14.12 -8.44 -1.96
CA PHE A 153 -14.82 -9.61 -1.40
C PHE A 153 -16.00 -10.06 -2.27
N GLN A 154 -16.67 -9.13 -2.95
CA GLN A 154 -17.71 -9.48 -3.93
C GLN A 154 -17.15 -10.33 -5.08
N LEU A 155 -15.97 -9.97 -5.58
CA LEU A 155 -15.29 -10.73 -6.64
C LEU A 155 -14.79 -12.09 -6.16
N THR A 156 -14.23 -12.13 -4.94
CA THR A 156 -13.64 -13.35 -4.39
C THR A 156 -14.69 -14.38 -4.02
N THR A 157 -15.60 -14.02 -3.11
CA THR A 157 -16.63 -14.95 -2.62
C THR A 157 -17.76 -15.20 -3.61
N GLY A 158 -18.13 -14.18 -4.39
CA GLY A 158 -19.24 -14.27 -5.36
C GLY A 158 -19.12 -15.32 -6.45
N ASP A 159 -17.88 -15.65 -6.81
CA ASP A 159 -17.58 -16.72 -7.77
C ASP A 159 -16.80 -17.83 -7.04
N ASP A 160 -17.18 -19.09 -7.30
CA ASP A 160 -16.59 -20.23 -6.60
C ASP A 160 -15.13 -20.47 -6.96
N LYS A 161 -14.83 -20.44 -8.26
CA LYS A 161 -13.45 -20.63 -8.76
C LYS A 161 -12.45 -19.55 -8.32
N CYS A 162 -12.94 -18.32 -8.11
CA CYS A 162 -12.11 -17.20 -7.62
C CYS A 162 -11.90 -17.20 -6.11
N ASN A 163 -12.73 -17.92 -5.35
CA ASN A 163 -12.73 -17.88 -3.89
C ASN A 163 -11.51 -18.58 -3.27
N ILE A 164 -10.51 -17.78 -2.91
CA ILE A 164 -9.35 -18.26 -2.14
C ILE A 164 -9.67 -18.58 -0.67
N PHE A 165 -10.78 -18.04 -0.15
CA PHE A 165 -11.23 -18.28 1.23
C PHE A 165 -12.27 -19.41 1.31
N LYS A 166 -12.10 -20.46 0.50
CA LYS A 166 -13.10 -21.51 0.35
C LYS A 166 -13.03 -22.54 1.48
N ASN A 167 -11.81 -23.05 1.71
CA ASN A 167 -11.58 -24.16 2.65
C ASN A 167 -11.21 -23.76 4.09
N MET A 168 -11.24 -22.46 4.40
CA MET A 168 -10.86 -21.97 5.73
C MET A 168 -11.91 -22.31 6.80
N GLU A 169 -11.50 -22.18 8.06
CA GLU A 169 -12.40 -22.33 9.20
C GLU A 169 -13.32 -21.11 9.31
N ARG A 170 -14.38 -21.24 10.12
CA ARG A 170 -15.32 -20.15 10.36
C ARG A 170 -14.64 -18.99 11.11
N ASN A 171 -13.94 -19.33 12.18
CA ASN A 171 -13.24 -18.32 13.00
C ASN A 171 -12.01 -17.71 12.31
N ASP A 172 -11.26 -18.53 11.59
CA ASP A 172 -10.03 -18.08 10.89
C ASP A 172 -10.32 -17.06 9.77
N TYR A 173 -11.45 -17.24 9.08
CA TYR A 173 -11.85 -16.31 8.02
C TYR A 173 -12.29 -14.95 8.56
N ARG A 174 -13.06 -14.95 9.65
CA ARG A 174 -13.60 -13.69 10.22
C ARG A 174 -12.53 -12.80 10.86
N THR A 175 -11.54 -13.41 11.51
CA THR A 175 -10.38 -12.66 12.03
C THR A 175 -9.52 -12.12 10.89
N LEU A 176 -9.34 -12.93 9.83
CA LEU A 176 -8.65 -12.51 8.61
C LEU A 176 -9.41 -11.41 7.87
N ARG A 177 -10.74 -11.57 7.77
CA ARG A 177 -11.61 -10.59 7.12
C ARG A 177 -11.58 -9.23 7.84
N GLN A 178 -11.68 -9.27 9.16
CA GLN A 178 -11.61 -8.05 9.99
C GLN A 178 -10.25 -7.37 9.91
N GLY A 179 -9.19 -8.16 9.75
CA GLY A 179 -7.83 -7.64 9.56
C GLY A 179 -7.62 -6.94 8.23
N ILE A 180 -8.07 -7.59 7.13
CA ILE A 180 -7.93 -7.03 5.78
C ILE A 180 -8.77 -5.75 5.61
N ILE A 181 -10.02 -5.79 6.08
CA ILE A 181 -10.92 -4.64 6.04
C ILE A 181 -10.35 -3.41 6.76
N ASP A 182 -9.70 -3.64 7.91
CA ASP A 182 -9.13 -2.56 8.72
C ASP A 182 -7.91 -1.91 8.06
N MET A 183 -7.05 -2.72 7.44
CA MET A 183 -5.86 -2.21 6.74
C MET A 183 -6.19 -1.44 5.46
N VAL A 184 -7.19 -1.91 4.71
CA VAL A 184 -7.65 -1.21 3.49
C VAL A 184 -8.30 0.13 3.84
N LEU A 185 -9.11 0.16 4.90
CA LEU A 185 -9.75 1.40 5.37
C LEU A 185 -8.75 2.38 6.00
N ALA A 186 -7.67 1.86 6.57
CA ALA A 186 -6.61 2.69 7.17
C ALA A 186 -5.82 3.56 6.17
N THR A 187 -5.90 3.23 4.88
CA THR A 187 -5.24 4.03 3.82
C THR A 187 -5.93 5.36 3.49
N GLU A 188 -7.14 5.59 4.04
CA GLU A 188 -7.84 6.87 3.88
C GLU A 188 -7.01 8.01 4.49
N MET A 189 -6.79 9.05 3.70
CA MET A 189 -5.85 10.13 4.07
C MET A 189 -6.43 11.16 5.04
N THR A 190 -7.76 11.21 5.19
CA THR A 190 -8.40 12.05 6.23
C THR A 190 -8.02 11.59 7.64
N LYS A 191 -7.82 10.27 7.80
CA LYS A 191 -7.34 9.69 9.06
C LYS A 191 -5.82 9.45 9.07
N HIS A 192 -5.06 10.24 8.30
CA HIS A 192 -3.60 10.06 8.19
C HIS A 192 -2.93 10.33 9.54
N PHE A 193 -3.13 11.53 10.05
CA PHE A 193 -2.49 11.98 11.29
C PHE A 193 -2.99 11.23 12.53
N GLU A 194 -4.21 10.69 12.46
CA GLU A 194 -4.75 9.84 13.51
C GLU A 194 -3.97 8.53 13.62
N HIS A 195 -3.72 7.88 12.48
CA HIS A 195 -2.99 6.61 12.44
C HIS A 195 -1.48 6.75 12.73
N VAL A 196 -0.91 7.93 12.46
CA VAL A 196 0.50 8.20 12.78
C VAL A 196 0.68 8.46 14.29
N ASN A 197 -0.21 9.27 14.87
CA ASN A 197 -0.14 9.59 16.31
C ASN A 197 -0.36 8.37 17.20
N LYS A 198 -1.35 7.54 16.84
CA LYS A 198 -1.62 6.28 17.57
C LYS A 198 -0.45 5.29 17.52
N PHE A 199 0.32 5.32 16.43
CA PHE A 199 1.53 4.50 16.30
C PHE A 199 2.64 4.97 17.26
N VAL A 200 2.90 6.28 17.27
CA VAL A 200 3.99 6.85 18.09
C VAL A 200 3.71 6.71 19.60
N ASN A 201 2.48 7.02 20.00
CA ASN A 201 2.11 7.01 21.42
C ASN A 201 2.02 5.62 22.04
N SER A 202 1.54 4.64 21.27
CA SER A 202 1.29 3.28 21.76
C SER A 202 2.47 2.31 21.56
N ILE A 203 3.35 2.58 20.60
CA ILE A 203 4.46 1.67 20.26
C ILE A 203 5.82 2.33 20.53
N ASN A 204 6.12 3.40 19.81
CA ASN A 204 7.47 4.01 19.84
C ASN A 204 7.91 4.59 21.18
N LYS A 205 7.00 5.31 21.85
CA LYS A 205 7.33 5.93 23.14
C LYS A 205 7.48 4.90 24.27
N PRO A 206 6.54 3.92 24.39
CA PRO A 206 6.75 2.79 25.30
C PRO A 206 8.01 1.97 25.00
N LEU A 207 8.28 1.70 23.72
CA LEU A 207 9.48 0.97 23.30
C LEU A 207 10.76 1.77 23.59
N ALA A 208 10.69 3.09 23.45
CA ALA A 208 11.81 3.98 23.82
C ALA A 208 12.06 3.97 25.33
N THR A 209 10.98 3.96 26.11
CA THR A 209 11.06 3.92 27.58
C THR A 209 11.64 2.59 28.09
N LEU A 210 11.14 1.48 27.54
CA LEU A 210 11.61 0.14 27.90
C LEU A 210 13.08 -0.12 27.50
N GLU A 211 13.52 0.48 26.39
CA GLU A 211 14.91 0.35 25.93
C GLU A 211 15.95 1.06 26.83
N GLU A 212 15.51 1.95 27.71
CA GLU A 212 16.40 2.61 28.69
C GLU A 212 17.04 1.64 29.68
N ASN A 213 16.34 0.56 30.02
CA ASN A 213 16.85 -0.45 30.96
C ASN A 213 18.08 -1.19 30.41
N GLY A 214 17.98 -1.66 29.17
CA GLY A 214 19.08 -2.35 28.49
C GLY A 214 18.60 -3.51 27.65
N GLU A 215 19.45 -4.52 27.49
CA GLU A 215 19.13 -5.73 26.72
C GLU A 215 19.13 -6.96 27.63
N THR A 216 18.45 -6.85 28.78
CA THR A 216 18.30 -7.96 29.74
C THR A 216 17.16 -8.89 29.30
N ASP A 217 17.30 -10.17 29.65
CA ASP A 217 16.38 -11.23 29.19
C ASP A 217 14.92 -11.03 29.64
N LYS A 218 14.75 -10.58 30.89
CA LYS A 218 13.42 -10.28 31.43
C LYS A 218 12.76 -9.05 30.77
N ASN A 219 13.58 -8.04 30.48
CA ASN A 219 13.11 -6.79 29.88
C ASN A 219 12.68 -6.93 28.42
N GLN A 220 13.38 -7.77 27.65
CA GLN A 220 12.99 -8.08 26.27
C GLN A 220 11.65 -8.81 26.16
N GLU A 221 11.32 -9.61 27.18
CA GLU A 221 10.03 -10.30 27.26
C GLU A 221 8.87 -9.32 27.48
N VAL A 222 9.13 -8.25 28.24
CA VAL A 222 8.15 -7.16 28.44
C VAL A 222 7.96 -6.36 27.15
N ILE A 223 9.05 -6.15 26.40
CA ILE A 223 8.99 -5.52 25.07
C ILE A 223 8.21 -6.41 24.10
N ASN A 224 8.41 -7.73 24.19
CA ASN A 224 7.67 -8.70 23.38
C ASN A 224 6.18 -8.72 23.73
N THR A 225 5.88 -8.93 25.01
CA THR A 225 4.49 -9.04 25.50
C THR A 225 3.65 -7.80 25.20
N MET A 226 4.25 -6.61 25.34
CA MET A 226 3.55 -5.34 25.11
C MET A 226 3.19 -5.13 23.63
N LEU A 227 4.15 -5.36 22.75
CA LEU A 227 3.95 -5.17 21.30
C LEU A 227 3.05 -6.23 20.67
N ARG A 228 3.16 -7.48 21.15
CA ARG A 228 2.43 -8.61 20.57
C ARG A 228 0.92 -8.69 20.89
N THR A 229 0.38 -7.74 21.67
CA THR A 229 -1.07 -7.69 21.96
C THR A 229 -1.87 -7.35 20.70
N PRO A 230 -3.15 -7.80 20.62
CA PRO A 230 -4.01 -7.51 19.45
C PRO A 230 -4.13 -6.04 19.05
N GLU A 231 -4.18 -5.14 20.04
CA GLU A 231 -4.35 -3.71 19.79
C GLU A 231 -3.13 -3.10 19.08
N ASN A 232 -1.95 -3.37 19.62
CA ASN A 232 -0.69 -2.86 19.06
C ASN A 232 -0.31 -3.51 17.72
N ARG A 233 -0.65 -4.78 17.54
CA ARG A 233 -0.46 -5.46 16.24
C ARG A 233 -1.25 -4.77 15.12
N THR A 234 -2.50 -4.41 15.42
CA THR A 234 -3.35 -3.67 14.49
C THR A 234 -2.75 -2.31 14.14
N LEU A 235 -2.22 -1.61 15.15
CA LEU A 235 -1.56 -0.31 14.94
C LEU A 235 -0.29 -0.42 14.09
N ILE A 236 0.44 -1.53 14.22
CA ILE A 236 1.58 -1.84 13.36
C ILE A 236 1.12 -2.14 11.93
N LYS A 237 0.03 -2.91 11.82
CA LYS A 237 -0.57 -3.22 10.52
C LYS A 237 -1.14 -1.99 9.81
N ARG A 238 -1.79 -1.11 10.57
CA ARG A 238 -2.26 0.18 10.06
C ARG A 238 -1.11 1.08 9.58
N MET A 239 0.02 1.02 10.27
CA MET A 239 1.21 1.80 9.90
C MET A 239 1.94 1.18 8.70
N LEU A 240 2.01 -0.15 8.65
CA LEU A 240 2.70 -0.87 7.57
C LEU A 240 2.02 -0.67 6.21
N ILE A 241 0.69 -0.80 6.19
CA ILE A 241 -0.10 -0.58 4.97
C ILE A 241 -0.01 0.89 4.49
N LYS A 242 -0.03 1.83 5.43
CA LYS A 242 0.09 3.26 5.11
C LYS A 242 1.44 3.61 4.48
N CYS A 243 2.52 3.08 5.06
CA CYS A 243 3.87 3.35 4.58
C CYS A 243 4.13 2.75 3.20
N ALA A 244 3.78 1.47 3.04
CA ALA A 244 3.91 0.76 1.75
C ALA A 244 3.13 1.41 0.62
N ASP A 245 1.96 1.95 0.94
CA ASP A 245 1.11 2.66 -0.02
C ASP A 245 1.82 3.87 -0.62
N VAL A 246 2.42 4.70 0.23
CA VAL A 246 3.14 5.91 -0.21
C VAL A 246 4.66 5.79 0.00
N SER A 247 5.22 4.64 -0.42
CA SER A 247 6.66 4.37 -0.33
C SER A 247 7.45 4.85 -1.56
N ASN A 248 6.77 5.40 -2.57
CA ASN A 248 7.42 5.89 -3.79
C ASN A 248 8.48 7.01 -3.63
N PRO A 249 8.34 7.90 -2.61
CA PRO A 249 9.44 8.85 -2.36
C PRO A 249 10.69 8.21 -1.74
N CYS A 250 10.54 7.04 -1.12
CA CYS A 250 11.66 6.28 -0.57
C CYS A 250 12.30 5.27 -1.57
N ARG A 251 11.85 5.26 -2.81
CA ARG A 251 12.44 4.40 -3.87
C ARG A 251 13.69 5.03 -4.48
N PRO A 252 14.45 4.26 -5.29
CA PRO A 252 15.48 4.80 -6.18
C PRO A 252 14.97 5.91 -7.10
N LEU A 253 15.86 6.86 -7.42
CA LEU A 253 15.47 8.12 -8.05
C LEU A 253 14.71 8.00 -9.38
N GLN A 254 15.04 6.99 -10.18
CA GLN A 254 14.31 6.72 -11.43
C GLN A 254 12.82 6.44 -11.19
N TYR A 255 12.54 5.63 -10.17
CA TYR A 255 11.18 5.19 -9.86
C TYR A 255 10.40 6.31 -9.17
N CYS A 256 11.07 7.00 -8.23
CA CYS A 256 10.52 8.18 -7.56
C CYS A 256 9.97 9.22 -8.54
N ILE A 257 10.76 9.54 -9.57
CA ILE A 257 10.37 10.52 -10.58
C ILE A 257 9.20 9.99 -11.44
N GLU A 258 9.22 8.70 -11.75
CA GLU A 258 8.16 8.06 -12.55
C GLU A 258 6.83 8.03 -11.78
N TRP A 259 6.87 7.62 -10.51
CA TRP A 259 5.67 7.65 -9.66
C TRP A 259 5.13 9.07 -9.46
N ALA A 260 6.04 10.04 -9.34
CA ALA A 260 5.68 11.46 -9.21
C ALA A 260 4.96 12.01 -10.44
N ALA A 261 5.47 11.66 -11.63
CA ALA A 261 4.87 12.10 -12.88
C ALA A 261 3.47 11.50 -13.12
N ARG A 262 3.30 10.23 -12.73
CA ARG A 262 2.03 9.52 -12.92
C ARG A 262 0.90 10.07 -12.04
N ILE A 263 1.16 10.18 -10.74
CA ILE A 263 0.18 10.75 -9.80
C ILE A 263 -0.14 12.23 -10.09
N SER A 264 0.87 12.98 -10.55
CA SER A 264 0.68 14.37 -10.97
C SER A 264 -0.24 14.47 -12.18
N GLU A 265 -0.02 13.61 -13.17
CA GLU A 265 -0.89 13.53 -14.37
C GLU A 265 -2.34 13.20 -14.01
N GLU A 266 -2.53 12.34 -13.02
CA GLU A 266 -3.86 11.94 -12.55
C GLU A 266 -4.64 13.09 -11.91
N TYR A 267 -3.93 14.07 -11.32
CA TYR A 267 -4.55 15.28 -10.80
C TYR A 267 -4.94 16.28 -11.88
N PHE A 268 -4.09 16.42 -12.89
CA PHE A 268 -4.35 17.39 -13.96
C PHE A 268 -5.58 17.00 -14.77
N SER A 269 -5.81 15.69 -14.94
CA SER A 269 -7.05 15.17 -15.52
C SER A 269 -8.28 15.49 -14.67
N GLN A 270 -8.14 15.35 -13.35
CA GLN A 270 -9.20 15.67 -12.41
C GLN A 270 -9.51 17.17 -12.35
N THR A 271 -8.47 18.00 -12.35
CA THR A 271 -8.62 19.46 -12.29
C THR A 271 -9.27 20.02 -13.57
N ASP A 272 -8.90 19.47 -14.73
CA ASP A 272 -9.53 19.83 -16.01
C ASP A 272 -11.01 19.45 -16.06
N GLU A 273 -11.36 18.29 -15.47
CA GLU A 273 -12.74 17.81 -15.45
C GLU A 273 -13.62 18.63 -14.50
N GLU A 274 -13.08 18.97 -13.33
CA GLU A 274 -13.79 19.81 -12.34
C GLU A 274 -14.11 21.23 -12.84
N LYS A 275 -13.22 21.78 -13.68
CA LYS A 275 -13.45 23.11 -14.28
C LYS A 275 -14.54 23.08 -15.35
N GLN A 276 -14.51 22.08 -16.21
CA GLN A 276 -15.46 21.94 -17.33
C GLN A 276 -16.88 21.63 -16.84
N GLN A 277 -16.98 20.66 -15.94
CA GLN A 277 -18.28 20.28 -15.34
C GLN A 277 -18.87 21.34 -14.40
N GLY A 278 -18.01 22.19 -13.83
CA GLY A 278 -18.44 23.25 -12.92
C GLY A 278 -18.54 22.80 -11.48
N LEU A 279 -17.59 21.96 -11.06
CA LEU A 279 -17.51 21.46 -9.69
C LEU A 279 -16.58 22.34 -8.87
N PRO A 280 -16.69 22.31 -7.52
CA PRO A 280 -15.74 23.07 -6.70
C PRO A 280 -14.32 22.47 -6.79
N VAL A 281 -13.35 23.32 -7.07
CA VAL A 281 -11.97 22.87 -7.32
C VAL A 281 -11.28 22.54 -6.00
N VAL A 282 -11.31 21.26 -5.63
CA VAL A 282 -10.71 20.78 -4.38
C VAL A 282 -9.18 20.72 -4.43
N MET A 283 -8.61 20.55 -5.63
CA MET A 283 -7.16 20.51 -5.84
C MET A 283 -6.71 21.62 -6.79
N PRO A 284 -6.65 22.88 -6.29
CA PRO A 284 -6.27 24.02 -7.15
C PRO A 284 -4.79 24.07 -7.54
N VAL A 285 -3.90 23.71 -6.61
CA VAL A 285 -2.45 23.74 -6.87
C VAL A 285 -1.96 22.71 -7.89
N PHE A 286 -2.72 21.62 -8.07
CA PHE A 286 -2.36 20.57 -9.02
C PHE A 286 -3.09 20.76 -10.36
N ASP A 287 -2.68 21.79 -11.10
CA ASP A 287 -3.16 22.07 -12.46
C ASP A 287 -1.96 22.04 -13.41
N ARG A 288 -2.13 21.41 -14.57
CA ARG A 288 -1.04 21.29 -15.57
C ARG A 288 -0.44 22.62 -16.02
N ASN A 289 -1.28 23.65 -16.12
CA ASN A 289 -0.86 24.98 -16.59
C ASN A 289 -0.17 25.85 -15.52
N THR A 290 -0.21 25.43 -14.25
CA THR A 290 0.44 26.18 -13.15
C THR A 290 1.31 25.38 -12.17
N CYS A 291 1.19 24.05 -12.15
CA CYS A 291 1.83 23.22 -11.11
C CYS A 291 3.32 23.02 -11.36
N SER A 292 4.10 23.22 -10.31
CA SER A 292 5.51 22.81 -10.27
C SER A 292 5.55 21.44 -9.61
N ILE A 293 5.91 20.41 -10.38
CA ILE A 293 5.98 19.03 -9.86
C ILE A 293 7.05 18.87 -8.78
N PRO A 294 8.31 19.33 -9.02
CA PRO A 294 9.32 19.29 -7.95
C PRO A 294 8.90 19.97 -6.64
N LYS A 295 8.33 21.18 -6.74
CA LYS A 295 7.85 21.92 -5.57
C LYS A 295 6.63 21.26 -4.93
N SER A 296 5.77 20.65 -5.75
CA SER A 296 4.62 19.88 -5.25
C SER A 296 5.05 18.65 -4.45
N GLN A 297 6.06 17.94 -4.94
CA GLN A 297 6.60 16.75 -4.25
C GLN A 297 7.25 17.08 -2.91
N ILE A 298 7.89 18.24 -2.81
CA ILE A 298 8.50 18.71 -1.55
C ILE A 298 7.41 18.97 -0.50
N SER A 299 6.31 19.59 -0.91
CA SER A 299 5.17 19.83 -0.03
C SER A 299 4.51 18.53 0.45
N PHE A 300 4.38 17.56 -0.46
CA PHE A 300 3.81 16.25 -0.13
C PHE A 300 4.68 15.47 0.87
N ILE A 301 6.00 15.51 0.67
CA ILE A 301 6.94 14.81 1.55
C ILE A 301 6.97 15.41 2.96
N ASP A 302 7.04 16.73 3.04
CA ASP A 302 7.06 17.43 4.34
C ASP A 302 5.78 17.22 5.15
N TYR A 303 4.64 17.19 4.48
CA TYR A 303 3.33 17.11 5.15
C TYR A 303 2.99 15.69 5.60
N PHE A 304 3.16 14.72 4.69
CA PHE A 304 2.74 13.32 4.92
C PHE A 304 3.88 12.34 5.23
N ILE A 305 4.95 12.40 4.42
CA ILE A 305 5.95 11.33 4.37
C ILE A 305 6.98 11.41 5.51
N THR A 306 7.59 12.58 5.69
CA THR A 306 8.76 12.74 6.58
C THR A 306 8.51 12.32 8.04
N ASP A 307 7.37 12.73 8.58
CA ASP A 307 7.01 12.38 9.96
C ASP A 307 6.56 10.91 10.10
N MET A 308 5.88 10.38 9.08
CA MET A 308 5.38 9.01 9.12
C MET A 308 6.52 7.99 9.04
N PHE A 309 7.38 8.15 8.03
CA PHE A 309 8.54 7.24 7.86
C PHE A 309 9.59 7.40 8.97
N ASP A 310 9.66 8.57 9.59
CA ASP A 310 10.50 8.77 10.79
C ASP A 310 10.09 7.80 11.91
N ALA A 311 8.79 7.69 12.15
CA ALA A 311 8.25 6.74 13.14
C ALA A 311 8.47 5.30 12.69
N TRP A 312 8.17 5.01 11.43
CA TRP A 312 8.30 3.66 10.86
C TRP A 312 9.76 3.19 10.80
N ASP A 313 10.69 4.12 10.56
CA ASP A 313 12.13 3.82 10.56
C ASP A 313 12.65 3.54 11.97
N ALA A 314 12.25 4.36 12.93
CA ALA A 314 12.63 4.18 14.34
C ALA A 314 12.23 2.81 14.90
N PHE A 315 11.10 2.29 14.45
CA PHE A 315 10.60 0.98 14.85
C PHE A 315 11.31 -0.15 14.10
N VAL A 316 11.25 -0.10 12.77
CA VAL A 316 11.67 -1.24 11.90
C VAL A 316 13.16 -1.21 11.51
N ASP A 317 13.76 -0.01 11.46
CA ASP A 317 15.14 0.19 10.98
C ASP A 317 15.22 0.02 9.45
N LEU A 318 15.12 1.14 8.73
CA LEU A 318 15.08 1.15 7.27
C LEU A 318 16.13 2.14 6.74
N PRO A 319 17.42 1.75 6.74
CA PRO A 319 18.50 2.66 6.30
C PRO A 319 18.51 2.97 4.80
N ASP A 320 18.10 2.01 3.97
CA ASP A 320 18.03 2.21 2.51
C ASP A 320 16.93 3.19 2.11
N LEU A 321 15.75 3.05 2.71
CA LEU A 321 14.59 3.90 2.39
C LEU A 321 14.82 5.36 2.76
N MET A 322 15.35 5.60 3.95
CA MET A 322 15.57 6.97 4.46
C MET A 322 16.74 7.66 3.76
N GLN A 323 17.72 6.88 3.29
CA GLN A 323 18.81 7.41 2.46
C GLN A 323 18.31 7.83 1.08
N HIS A 324 17.45 7.01 0.48
CA HIS A 324 16.78 7.35 -0.78
C HIS A 324 15.87 8.57 -0.65
N LEU A 325 15.17 8.67 0.48
CA LEU A 325 14.33 9.84 0.78
C LEU A 325 15.14 11.13 0.81
N ASP A 326 16.34 11.08 1.40
CA ASP A 326 17.25 12.23 1.43
C ASP A 326 17.78 12.58 0.03
N ASN A 327 18.09 11.56 -0.78
CA ASN A 327 18.58 11.75 -2.15
C ASN A 327 17.50 12.31 -3.09
N ASN A 328 16.27 11.83 -2.94
CA ASN A 328 15.15 12.28 -3.76
C ASN A 328 14.66 13.69 -3.37
N PHE A 329 14.64 13.98 -2.07
CA PHE A 329 14.25 15.30 -1.57
C PHE A 329 15.18 16.40 -2.10
N LYS A 330 16.48 16.16 -2.01
CA LYS A 330 17.48 17.10 -2.51
C LYS A 330 17.48 17.25 -4.04
N TYR A 331 17.07 16.20 -4.76
CA TYR A 331 16.89 16.28 -6.22
C TYR A 331 15.74 17.21 -6.60
N TRP A 332 14.62 17.12 -5.87
CA TRP A 332 13.48 18.03 -6.09
C TRP A 332 13.82 19.48 -5.78
N LYS A 333 14.67 19.70 -4.76
CA LYS A 333 15.21 21.03 -4.44
C LYS A 333 16.14 21.55 -5.54
N GLY A 334 16.98 20.66 -6.08
CA GLY A 334 17.93 21.02 -7.14
C GLY A 334 17.32 21.40 -8.49
N LEU A 335 16.10 20.93 -8.77
CA LEU A 335 15.42 21.20 -10.06
C LEU A 335 14.85 22.63 -10.21
N ASP A 336 14.88 23.45 -9.17
CA ASP A 336 14.43 24.85 -9.28
C ASP A 336 15.32 25.62 -10.24
N GLU A 337 16.62 25.64 -9.97
CA GLU A 337 17.64 26.25 -10.85
C GLU A 337 17.41 27.73 -11.18
N MET A 338 16.84 28.49 -10.24
CA MET A 338 16.56 29.91 -10.41
C MET A 338 16.76 30.69 -9.12
ZN ZN B . -3.13 3.36 -2.48
MG MG C . -6.61 4.96 -0.79
O5' CFB D . -2.17 7.37 0.26
C5' CFB D . -2.66 7.48 -1.07
C4' CFB D . -2.80 8.91 -1.50
O4' CFB D . -1.48 9.49 -1.66
C3' CFB D . -3.53 9.13 -2.83
O3' CFB D . -4.50 10.16 -2.71
C2' CFB D . -2.42 9.54 -3.79
F CFB D . -1.89 8.40 -4.40
C1' CFB D . -1.39 10.20 -2.88
N9 CFB D . -0.02 10.13 -3.34
C8 CFB D . 0.79 9.03 -3.40
N7 CFB D . 2.01 9.27 -3.80
C5 CFB D . 2.01 10.63 -4.03
C4 CFB D . 0.77 11.18 -3.76
N3 CFB D . 0.42 12.47 -3.87
C2 CFB D . 1.46 13.20 -4.26
CL CFB D . 1.13 14.89 -4.41
N1 CFB D . 2.71 12.84 -4.56
C6 CFB D . 3.02 11.53 -4.44
N6 CFB D . 4.27 11.16 -4.69
#